data_5LST
#
_entry.id   5LST
#
_cell.length_a   131.001
_cell.length_b   131.001
_cell.length_c   96.344
_cell.angle_alpha   90.00
_cell.angle_beta   90.00
_cell.angle_gamma   120.00
#
_symmetry.space_group_name_H-M   'P 31 2 1'
#
loop_
_entity.id
_entity.type
_entity.pdbx_description
1 polymer 'ATP-dependent DNA helicase Q4'
2 non-polymer 'ZINC ION'
#
_entity_poly.entity_id   1
_entity_poly.type   'polypeptide(L)'
_entity_poly.pdbx_seq_one_letter_code
;GPMAVGPEPLVPSPQPVPEVPSLDPTVLPLYSLGPSGQLAETPAEVFQALEQLGHQAFRPGQERAVMRILSGISTLLVLP
TGAGKSLCYQLPALLYSRRSPCLTLVVSPLLSLMDDQVSGLPPCLKAACIHSGMTRKQRESVLQKIRAAQVHVLMLTPEA
LVGAGGLPPAAQLPPVAFACIDEAHCLSQWSHNFRPCYLRVCKVLRERMGVHCFLGLTATATRRTASDVAQHLAVAEEPD
LHGPAPVPTNLHLSVSMDRDTDQALLTLLQGKRFQNLDSIIIYCNRREDTERIAALLRTCLHAAWVPGSGGRAPKTTAEA
YHAGMCSRERRRVQRAFMQGQLRVVVATVAFGMGLDRPDVRAVLHLGLPPSFESYVQAVGRAGRDGQPAHCHLFLQPQGE
DLRELRRHVHADSTDFLAVKRLVQRVFPACTCTCTRPPSEQEGAVGGERPVPKYPPQEAEQLSHQAAPGPRRVCMGHERA
LPIQLTVQALDMPEEAIETLLCYLELHPHHWLELLATTYTHCRLNCPGGPAQLQALAHRCPPLAVCLAQQLPEDPGQGSS
SVEFDMVKLVDSMGWELASVRRALCQLQWDHEPRTGVRRGTGVLVEFSELAFHLRSPGDLTAEEKDQICDFLYGRVQARE
RQALARLRRTFQAFHSVAFPSCGPCLEQQDEERSTRLKDLLGRYFEEEEGQEP
;
_entity_poly.pdbx_strand_id   A
#
# COMPACT_ATOMS: atom_id res chain seq x y z
N THR A 26 13.65 2.65 -23.08
CA THR A 26 12.91 3.88 -22.81
C THR A 26 11.74 4.05 -23.78
N VAL A 27 10.57 4.37 -23.23
CA VAL A 27 9.36 4.57 -24.02
C VAL A 27 9.16 6.06 -24.23
N LEU A 28 9.04 6.48 -25.50
CA LEU A 28 8.70 7.85 -25.85
C LEU A 28 7.19 8.06 -25.74
N PRO A 29 6.74 9.30 -25.49
CA PRO A 29 5.30 9.54 -25.37
C PRO A 29 4.56 9.16 -26.65
N LEU A 30 3.33 8.66 -26.47
CA LEU A 30 2.53 8.25 -27.62
C LEU A 30 2.09 9.46 -28.44
N TYR A 31 1.57 10.49 -27.76
CA TYR A 31 1.16 11.72 -28.41
C TYR A 31 2.10 12.85 -28.03
N SER A 32 2.26 13.79 -28.95
CA SER A 32 3.10 14.95 -28.74
C SER A 32 2.22 16.18 -28.54
N LEU A 33 2.70 17.09 -27.69
CA LEU A 33 1.99 18.34 -27.45
C LEU A 33 2.00 19.19 -28.73
N GLY A 34 0.92 19.95 -28.91
CA GLY A 34 0.87 20.90 -29.98
C GLY A 34 1.71 22.11 -29.70
N PRO A 35 1.67 23.10 -30.60
CA PRO A 35 2.37 24.35 -30.34
C PRO A 35 1.83 25.03 -29.10
N SER A 36 2.69 25.83 -28.46
CA SER A 36 2.43 26.52 -27.20
C SER A 36 2.17 25.56 -26.05
N GLY A 37 2.43 24.27 -26.24
CA GLY A 37 2.38 23.30 -25.15
C GLY A 37 1.00 22.82 -24.76
N GLN A 38 -0.06 23.23 -25.47
CA GLN A 38 -1.39 22.75 -25.13
C GLN A 38 -1.54 21.29 -25.53
N LEU A 39 -2.42 20.59 -24.81
CA LEU A 39 -2.71 19.20 -25.13
C LEU A 39 -3.26 19.07 -26.55
N ALA A 40 -2.84 18.03 -27.25
CA ALA A 40 -3.38 17.75 -28.56
C ALA A 40 -4.84 17.30 -28.46
N GLU A 41 -5.63 17.66 -29.47
CA GLU A 41 -7.04 17.29 -29.48
C GLU A 41 -7.19 15.77 -29.52
N THR A 42 -8.14 15.27 -28.75
CA THR A 42 -8.31 13.83 -28.57
C THR A 42 -8.60 13.14 -29.90
N PRO A 43 -7.73 12.26 -30.38
CA PRO A 43 -7.94 11.62 -31.68
C PRO A 43 -9.03 10.57 -31.62
N ALA A 44 -9.40 10.07 -32.78
CA ALA A 44 -10.42 9.03 -32.96
C ALA A 44 -10.03 7.71 -32.32
N GLU A 45 -8.74 7.43 -32.33
CA GLU A 45 -8.19 6.20 -31.82
C GLU A 45 -8.53 5.98 -30.36
N VAL A 46 -8.47 7.04 -29.58
CA VAL A 46 -8.79 6.92 -28.17
C VAL A 46 -10.23 6.50 -28.02
N PHE A 47 -11.14 7.08 -28.79
CA PHE A 47 -12.54 6.72 -28.69
C PHE A 47 -12.77 5.28 -29.10
N GLN A 48 -12.05 4.82 -30.11
CA GLN A 48 -12.22 3.44 -30.52
C GLN A 48 -11.81 2.52 -29.40
N ALA A 49 -10.69 2.83 -28.78
CA ALA A 49 -10.18 2.05 -27.66
C ALA A 49 -11.15 2.09 -26.50
N LEU A 50 -11.75 3.24 -26.25
CA LEU A 50 -12.68 3.39 -25.16
C LEU A 50 -13.84 2.47 -25.39
N GLU A 51 -14.37 2.43 -26.60
CA GLU A 51 -15.48 1.55 -26.87
C GLU A 51 -15.07 0.09 -26.75
N GLN A 52 -13.87 -0.22 -27.19
CA GLN A 52 -13.40 -1.57 -27.15
C GLN A 52 -13.35 -2.12 -25.73
N LEU A 53 -12.96 -1.31 -24.77
CA LEU A 53 -12.86 -1.79 -23.40
C LEU A 53 -14.24 -2.06 -22.80
N GLY A 54 -15.28 -1.41 -23.29
CA GLY A 54 -16.63 -1.66 -22.81
C GLY A 54 -17.39 -0.41 -22.44
N HIS A 55 -16.69 0.58 -21.89
CA HIS A 55 -17.33 1.84 -21.54
C HIS A 55 -17.71 2.59 -22.81
N GLN A 56 -18.92 3.13 -22.84
CA GLN A 56 -19.41 3.84 -24.02
C GLN A 56 -19.36 5.36 -23.87
N ALA A 57 -18.81 5.87 -22.77
CA ALA A 57 -18.73 7.31 -22.57
C ALA A 57 -17.66 7.62 -21.54
N PHE A 58 -17.06 8.80 -21.66
CA PHE A 58 -16.05 9.27 -20.74
C PHE A 58 -16.72 9.93 -19.54
N ARG A 59 -16.41 9.47 -18.34
CA ARG A 59 -16.84 10.15 -17.14
C ARG A 59 -16.10 11.48 -17.01
N PRO A 60 -16.64 12.42 -16.25
CA PRO A 60 -16.01 13.76 -16.16
C PRO A 60 -14.57 13.67 -15.67
N GLY A 61 -13.66 14.29 -16.43
CA GLY A 61 -12.26 14.33 -16.09
C GLY A 61 -11.45 13.16 -16.60
N GLN A 62 -12.08 12.17 -17.23
CA GLN A 62 -11.36 11.01 -17.72
C GLN A 62 -10.67 11.29 -19.05
N GLU A 63 -11.35 12.00 -19.96
CA GLU A 63 -10.77 12.28 -21.27
C GLU A 63 -9.49 13.10 -21.14
N ARG A 64 -9.52 14.14 -20.32
CA ARG A 64 -8.32 14.97 -20.13
C ARG A 64 -7.19 14.17 -19.50
N ALA A 65 -7.49 13.37 -18.48
CA ALA A 65 -6.43 12.65 -17.78
C ALA A 65 -5.79 11.59 -18.68
N VAL A 66 -6.60 10.92 -19.49
CA VAL A 66 -6.06 9.90 -20.39
C VAL A 66 -5.15 10.54 -21.43
N MET A 67 -5.54 11.70 -21.96
CA MET A 67 -4.71 12.40 -22.93
C MET A 67 -3.40 12.90 -22.30
N ARG A 68 -3.41 13.18 -20.99
CA ARG A 68 -2.18 13.59 -20.32
C ARG A 68 -1.17 12.45 -20.32
N ILE A 69 -1.59 11.25 -19.93
CA ILE A 69 -0.69 10.11 -19.85
C ILE A 69 -0.18 9.72 -21.23
N LEU A 70 -1.06 9.77 -22.24
CA LEU A 70 -0.64 9.49 -23.61
C LEU A 70 0.35 10.52 -24.13
N SER A 71 0.52 11.64 -23.44
CA SER A 71 1.50 12.66 -23.81
C SER A 71 2.71 12.67 -22.88
N GLY A 72 2.77 11.78 -21.90
CA GLY A 72 3.89 11.74 -20.98
C GLY A 72 3.80 12.70 -19.82
N ILE A 73 2.62 13.24 -19.53
CA ILE A 73 2.43 14.24 -18.47
C ILE A 73 1.80 13.54 -17.27
N SER A 74 2.47 13.63 -16.13
CA SER A 74 1.90 13.08 -14.90
C SER A 74 0.65 13.84 -14.51
N THR A 75 -0.32 13.13 -13.92
CA THR A 75 -1.57 13.76 -13.56
C THR A 75 -2.19 13.04 -12.38
N LEU A 76 -2.90 13.81 -11.54
CA LEU A 76 -3.64 13.28 -10.41
C LEU A 76 -5.13 13.42 -10.70
N LEU A 77 -5.87 12.34 -10.50
CA LEU A 77 -7.30 12.31 -10.79
C LEU A 77 -8.03 11.88 -9.52
N VAL A 78 -8.92 12.75 -9.03
CA VAL A 78 -9.71 12.48 -7.83
C VAL A 78 -11.13 12.16 -8.28
N LEU A 79 -11.57 10.94 -8.00
CA LEU A 79 -12.89 10.48 -8.43
C LEU A 79 -13.82 10.39 -7.24
N PRO A 80 -15.06 10.89 -7.36
CA PRO A 80 -15.99 10.77 -6.21
C PRO A 80 -16.34 9.34 -5.88
N THR A 81 -16.64 8.52 -6.89
CA THR A 81 -16.91 7.10 -6.70
C THR A 81 -15.79 6.29 -7.34
N GLY A 82 -15.69 5.03 -6.92
CA GLY A 82 -14.66 4.15 -7.45
C GLY A 82 -14.88 3.74 -8.89
N ALA A 83 -16.08 3.95 -9.42
CA ALA A 83 -16.36 3.58 -10.81
C ALA A 83 -15.54 4.45 -11.76
N GLY A 84 -15.02 3.82 -12.81
CA GLY A 84 -14.21 4.52 -13.78
C GLY A 84 -12.75 4.65 -13.42
N LYS A 85 -12.33 4.10 -12.28
CA LYS A 85 -10.92 4.13 -11.92
C LYS A 85 -10.09 3.19 -12.79
N SER A 86 -10.64 2.05 -13.20
CA SER A 86 -9.87 1.08 -13.98
C SER A 86 -9.60 1.61 -15.39
N LEU A 87 -10.56 2.31 -15.98
CA LEU A 87 -10.42 2.79 -17.35
C LEU A 87 -9.24 3.75 -17.50
N CYS A 88 -8.89 4.47 -16.43
CA CYS A 88 -7.89 5.53 -16.54
C CYS A 88 -6.50 4.99 -16.88
N TYR A 89 -6.18 3.76 -16.45
CA TYR A 89 -4.91 3.16 -16.83
C TYR A 89 -5.07 2.11 -17.94
N GLN A 90 -6.28 1.58 -18.14
CA GLN A 90 -6.47 0.54 -19.16
C GLN A 90 -6.39 1.11 -20.56
N LEU A 91 -7.00 2.27 -20.79
CA LEU A 91 -6.96 2.85 -22.13
C LEU A 91 -5.55 3.26 -22.54
N PRO A 92 -4.77 3.97 -21.71
CA PRO A 92 -3.39 4.27 -22.12
C PRO A 92 -2.52 3.02 -22.26
N ALA A 93 -2.69 2.04 -21.39
CA ALA A 93 -1.90 0.81 -21.49
C ALA A 93 -2.21 0.08 -22.80
N LEU A 94 -3.48 0.04 -23.20
CA LEU A 94 -3.83 -0.60 -24.47
C LEU A 94 -3.17 0.10 -25.65
N LEU A 95 -3.21 1.44 -25.64
CA LEU A 95 -2.64 2.19 -26.76
C LEU A 95 -1.12 2.23 -26.72
N TYR A 96 -0.52 2.29 -25.53
CA TYR A 96 0.94 2.25 -25.45
C TYR A 96 1.48 0.90 -25.90
N SER A 97 0.75 -0.18 -25.61
CA SER A 97 1.17 -1.52 -25.99
C SER A 97 0.95 -1.82 -27.47
N ARG A 98 0.03 -1.11 -28.13
CA ARG A 98 -0.18 -1.35 -29.56
C ARG A 98 0.95 -0.78 -30.41
N ARG A 99 1.57 0.32 -29.97
CA ARG A 99 2.63 0.94 -30.76
C ARG A 99 3.93 0.14 -30.68
N SER A 100 4.33 -0.24 -29.47
CA SER A 100 5.60 -0.90 -29.22
C SER A 100 5.47 -1.75 -27.97
N PRO A 101 6.08 -2.93 -27.95
CA PRO A 101 5.99 -3.80 -26.76
C PRO A 101 6.57 -3.13 -25.52
N CYS A 102 5.70 -2.81 -24.56
CA CYS A 102 6.12 -2.13 -23.34
C CYS A 102 5.33 -2.71 -22.19
N LEU A 103 5.42 -2.05 -21.03
CA LEU A 103 4.81 -2.55 -19.81
C LEU A 103 4.32 -1.38 -18.98
N THR A 104 3.12 -1.51 -18.42
CA THR A 104 2.55 -0.51 -17.53
C THR A 104 2.39 -1.10 -16.13
N LEU A 105 2.88 -0.37 -15.13
CA LEU A 105 2.83 -0.80 -13.74
C LEU A 105 1.64 -0.17 -13.03
N VAL A 106 0.80 -1.00 -12.44
CA VAL A 106 -0.30 -0.53 -11.58
C VAL A 106 0.00 -0.99 -10.17
N VAL A 107 0.28 -0.06 -9.27
CA VAL A 107 0.52 -0.34 -7.85
C VAL A 107 -0.78 -0.14 -7.09
N SER A 108 -1.20 -1.17 -6.35
CA SER A 108 -2.44 -1.12 -5.59
C SER A 108 -2.33 -2.10 -4.42
N PRO A 109 -3.12 -1.89 -3.36
CA PRO A 109 -2.97 -2.71 -2.14
C PRO A 109 -3.27 -4.18 -2.39
N LEU A 110 -2.84 -5.00 -1.42
CA LEU A 110 -2.98 -6.44 -1.53
C LEU A 110 -4.44 -6.86 -1.64
N LEU A 111 -5.36 -6.08 -1.06
CA LEU A 111 -6.77 -6.44 -1.09
C LEU A 111 -7.31 -6.41 -2.52
N SER A 112 -6.82 -5.45 -3.28
CA SER A 112 -7.19 -5.29 -4.66
C SER A 112 -6.77 -6.47 -5.51
N LEU A 113 -5.63 -7.07 -5.22
CA LEU A 113 -5.18 -8.19 -6.04
C LEU A 113 -5.24 -9.54 -5.35
N MET A 114 -5.78 -9.56 -4.15
CA MET A 114 -5.81 -10.78 -3.35
C MET A 114 -6.58 -11.95 -3.97
N ASP A 115 -7.66 -11.62 -4.66
CA ASP A 115 -8.56 -12.60 -5.24
C ASP A 115 -8.43 -12.86 -6.74
N ASP A 116 -7.23 -12.70 -7.28
CA ASP A 116 -6.99 -12.96 -8.69
C ASP A 116 -7.86 -12.17 -9.67
N GLN A 117 -8.02 -10.88 -9.44
CA GLN A 117 -8.84 -10.10 -10.35
C GLN A 117 -8.28 -10.08 -11.77
N VAL A 118 -9.16 -10.31 -12.73
CA VAL A 118 -8.82 -10.33 -14.14
C VAL A 118 -9.68 -9.31 -14.87
N SER A 119 -9.01 -8.40 -15.55
CA SER A 119 -9.63 -7.34 -16.31
C SER A 119 -9.79 -7.73 -17.76
N GLY A 120 -9.89 -6.74 -18.63
CA GLY A 120 -10.04 -7.00 -20.04
C GLY A 120 -8.90 -7.84 -20.56
N LEU A 121 -9.26 -8.80 -21.40
CA LEU A 121 -8.37 -9.79 -21.99
C LEU A 121 -7.25 -9.29 -22.89
N PRO A 122 -7.52 -8.24 -23.64
CA PRO A 122 -6.52 -7.73 -24.59
C PRO A 122 -5.23 -7.31 -23.93
N PRO A 123 -5.31 -6.70 -22.76
CA PRO A 123 -4.12 -6.22 -22.05
C PRO A 123 -3.17 -7.33 -21.63
N CYS A 124 -3.73 -8.45 -21.20
CA CYS A 124 -2.89 -9.56 -20.75
C CYS A 124 -2.13 -9.17 -19.48
N LEU A 125 -2.91 -9.00 -18.41
CA LEU A 125 -2.39 -8.53 -17.14
C LEU A 125 -1.90 -9.68 -16.27
N LYS A 126 -0.97 -9.38 -15.38
CA LYS A 126 -0.49 -10.33 -14.39
C LYS A 126 -0.28 -9.61 -13.06
N ALA A 127 -0.26 -10.39 -11.98
CA ALA A 127 -0.11 -9.84 -10.64
C ALA A 127 1.03 -10.55 -9.92
N ALA A 128 1.93 -9.76 -9.35
CA ALA A 128 2.95 -10.27 -8.45
C ALA A 128 2.73 -9.60 -7.09
N CYS A 129 2.44 -10.40 -6.07
CA CYS A 129 2.05 -9.88 -4.77
C CYS A 129 2.63 -10.76 -3.67
N ILE A 130 2.47 -10.29 -2.44
CA ILE A 130 2.96 -11.03 -1.27
C ILE A 130 2.20 -12.35 -1.13
N HIS A 131 0.90 -12.33 -1.41
CA HIS A 131 0.05 -13.51 -1.27
C HIS A 131 0.43 -14.63 -2.22
N SER A 132 1.07 -14.31 -3.35
CA SER A 132 1.56 -15.33 -4.25
C SER A 132 2.59 -16.20 -3.53
N GLY A 133 2.20 -17.42 -3.19
CA GLY A 133 3.05 -18.29 -2.39
C GLY A 133 3.97 -19.18 -3.19
N MET A 134 4.29 -18.77 -4.42
CA MET A 134 5.18 -19.54 -5.28
C MET A 134 6.59 -18.96 -5.31
N THR A 135 6.85 -17.91 -4.54
CA THR A 135 8.19 -17.33 -4.33
C THR A 135 8.75 -16.95 -5.70
N ARG A 136 9.98 -17.33 -6.03
CA ARG A 136 10.55 -16.95 -7.32
C ARG A 136 9.79 -17.59 -8.48
N LYS A 137 9.21 -18.77 -8.27
CA LYS A 137 8.46 -19.43 -9.34
C LYS A 137 7.32 -18.55 -9.84
N GLN A 138 6.57 -17.94 -8.91
CA GLN A 138 5.52 -17.00 -9.33
C GLN A 138 6.12 -15.80 -10.05
N ARG A 139 7.09 -15.13 -9.42
CA ARG A 139 7.66 -13.93 -10.01
C ARG A 139 8.42 -14.23 -11.30
N GLU A 140 9.11 -15.36 -11.36
CA GLU A 140 9.83 -15.71 -12.59
C GLU A 140 8.86 -16.13 -13.69
N SER A 141 7.82 -16.88 -13.35
CA SER A 141 6.80 -17.23 -14.34
C SER A 141 6.16 -15.97 -14.91
N VAL A 142 5.86 -14.99 -14.06
CA VAL A 142 5.42 -13.70 -14.55
C VAL A 142 6.54 -13.02 -15.33
N LEU A 143 7.77 -13.08 -14.81
CA LEU A 143 8.92 -12.54 -15.54
C LEU A 143 9.09 -13.25 -16.87
N GLN A 144 9.04 -14.58 -16.87
CA GLN A 144 9.13 -15.31 -18.14
C GLN A 144 7.95 -15.01 -19.03
N LYS A 145 6.77 -14.75 -18.45
CA LYS A 145 5.63 -14.34 -19.26
C LYS A 145 5.83 -12.93 -19.80
N ILE A 146 6.44 -12.04 -19.02
CA ILE A 146 6.79 -10.72 -19.54
C ILE A 146 7.77 -10.85 -20.70
N ARG A 147 8.79 -11.71 -20.54
CA ARG A 147 9.81 -11.87 -21.57
C ARG A 147 9.21 -12.39 -22.87
N ALA A 148 8.16 -13.19 -22.78
CA ALA A 148 7.43 -13.67 -23.94
C ALA A 148 6.40 -12.69 -24.43
N ALA A 149 6.45 -11.44 -23.94
CA ALA A 149 5.54 -10.39 -24.35
C ALA A 149 4.11 -10.74 -24.01
N GLN A 150 3.92 -11.77 -23.19
CA GLN A 150 2.60 -12.19 -22.75
C GLN A 150 2.13 -11.42 -21.53
N VAL A 151 2.73 -10.27 -21.25
CA VAL A 151 2.30 -9.37 -20.18
C VAL A 151 2.49 -7.94 -20.65
N HIS A 152 1.41 -7.14 -20.59
CA HIS A 152 1.49 -5.72 -20.88
C HIS A 152 1.05 -4.84 -19.72
N VAL A 153 0.34 -5.37 -18.73
CA VAL A 153 0.00 -4.65 -17.51
C VAL A 153 0.42 -5.53 -16.34
N LEU A 154 1.23 -4.97 -15.45
CA LEU A 154 1.69 -5.67 -14.26
C LEU A 154 1.13 -4.96 -13.03
N MET A 155 0.47 -5.72 -12.16
CA MET A 155 -0.13 -5.17 -10.96
C MET A 155 0.67 -5.64 -9.76
N LEU A 156 1.27 -4.69 -9.06
CA LEU A 156 2.17 -4.97 -7.94
C LEU A 156 1.62 -4.32 -6.68
N THR A 157 1.55 -5.09 -5.61
CA THR A 157 1.35 -4.49 -4.30
C THR A 157 2.59 -3.68 -3.93
N PRO A 158 2.43 -2.58 -3.19
CA PRO A 158 3.60 -1.78 -2.82
C PRO A 158 4.70 -2.57 -2.14
N GLU A 159 4.34 -3.53 -1.28
CA GLU A 159 5.34 -4.33 -0.58
C GLU A 159 6.14 -5.19 -1.55
N ALA A 160 5.55 -5.59 -2.67
CA ALA A 160 6.29 -6.42 -3.63
C ALA A 160 7.32 -5.61 -4.40
N LEU A 161 7.04 -4.34 -4.67
CA LEU A 161 7.96 -3.49 -5.42
C LEU A 161 9.19 -3.10 -4.61
N VAL A 162 9.03 -2.89 -3.30
CA VAL A 162 10.14 -2.42 -2.48
C VAL A 162 10.52 -3.45 -1.42
N GLY A 163 10.08 -4.69 -1.56
CA GLY A 163 10.36 -5.74 -0.61
C GLY A 163 11.63 -6.51 -0.95
N ALA A 164 11.74 -7.70 -0.36
CA ALA A 164 12.94 -8.51 -0.53
C ALA A 164 13.08 -8.98 -1.97
N GLY A 165 12.07 -9.69 -2.48
CA GLY A 165 12.12 -10.12 -3.87
C GLY A 165 12.21 -8.96 -4.83
N GLY A 166 11.35 -7.95 -4.62
CA GLY A 166 11.41 -6.75 -5.44
C GLY A 166 11.12 -7.05 -6.89
N LEU A 167 11.81 -6.32 -7.77
CA LEU A 167 11.68 -6.45 -9.20
C LEU A 167 13.05 -6.53 -9.82
N PRO A 168 13.20 -7.27 -10.91
CA PRO A 168 14.50 -7.35 -11.61
C PRO A 168 14.90 -5.98 -12.14
N PRO A 169 16.15 -5.81 -12.57
CA PRO A 169 16.57 -4.50 -13.08
C PRO A 169 15.77 -4.10 -14.31
N ALA A 170 15.63 -2.78 -14.51
CA ALA A 170 14.90 -2.26 -15.65
C ALA A 170 15.49 -2.71 -16.98
N ALA A 171 16.75 -3.12 -17.00
CA ALA A 171 17.36 -3.59 -18.24
C ALA A 171 16.77 -4.90 -18.69
N GLN A 172 16.49 -5.81 -17.76
CA GLN A 172 15.91 -7.10 -18.13
C GLN A 172 14.45 -6.95 -18.56
N LEU A 173 13.78 -5.91 -18.11
CA LEU A 173 12.36 -5.71 -18.34
C LEU A 173 12.13 -4.86 -19.59
N PRO A 174 10.96 -4.99 -20.21
CA PRO A 174 10.57 -4.07 -21.28
C PRO A 174 10.48 -2.66 -20.75
N PRO A 175 10.56 -1.66 -21.64
CA PRO A 175 10.48 -0.27 -21.17
C PRO A 175 9.08 0.04 -20.65
N VAL A 176 9.03 0.83 -19.59
CA VAL A 176 7.78 1.16 -18.92
C VAL A 176 7.24 2.47 -19.47
N ALA A 177 5.98 2.43 -19.92
CA ALA A 177 5.37 3.63 -20.47
C ALA A 177 5.00 4.61 -19.37
N PHE A 178 4.36 4.12 -18.31
CA PHE A 178 3.97 4.92 -17.17
C PHE A 178 3.60 3.99 -16.03
N ALA A 179 3.44 4.57 -14.85
CA ALA A 179 3.05 3.83 -13.66
C ALA A 179 1.80 4.45 -13.07
N CYS A 180 0.79 3.63 -12.81
CA CYS A 180 -0.43 4.07 -12.15
C CYS A 180 -0.32 3.78 -10.65
N ILE A 181 -0.56 4.81 -9.83
CA ILE A 181 -0.51 4.68 -8.38
C ILE A 181 -1.95 4.72 -7.88
N ASP A 182 -2.51 3.55 -7.61
CA ASP A 182 -3.83 3.46 -6.99
C ASP A 182 -3.73 3.82 -5.51
N GLU A 183 -4.82 4.39 -4.99
CA GLU A 183 -4.87 4.87 -3.60
C GLU A 183 -3.77 5.91 -3.34
N ALA A 184 -3.65 6.86 -4.27
CA ALA A 184 -2.57 7.84 -4.20
C ALA A 184 -2.58 8.68 -2.92
N HIS A 185 -3.71 8.73 -2.21
CA HIS A 185 -3.76 9.51 -0.98
C HIS A 185 -2.77 9.02 0.06
N CYS A 186 -2.35 7.75 -0.01
CA CYS A 186 -1.41 7.22 0.97
C CYS A 186 -0.07 7.94 0.94
N LEU A 187 0.22 8.74 -0.08
CA LEU A 187 1.48 9.46 -0.11
C LEU A 187 1.52 10.61 0.89
N SER A 188 0.37 11.16 1.25
CA SER A 188 0.29 12.40 2.00
C SER A 188 0.13 12.14 3.49
N GLN A 189 0.85 12.92 4.30
CA GLN A 189 0.71 12.84 5.75
C GLN A 189 -0.64 13.37 6.23
N TRP A 190 -1.41 14.02 5.36
CA TRP A 190 -2.71 14.56 5.74
C TRP A 190 -3.86 13.57 5.53
N SER A 191 -3.63 12.49 4.79
CA SER A 191 -4.71 11.56 4.52
C SER A 191 -5.02 10.70 5.74
N HIS A 192 -6.12 9.96 5.63
CA HIS A 192 -6.55 9.08 6.70
C HIS A 192 -5.71 7.81 6.79
N ASN A 193 -5.00 7.46 5.72
CA ASN A 193 -4.28 6.20 5.62
C ASN A 193 -2.89 6.44 5.00
N PHE A 194 -2.05 7.21 5.69
CA PHE A 194 -0.70 7.44 5.20
C PHE A 194 0.16 6.20 5.39
N ARG A 195 0.78 5.73 4.30
CA ARG A 195 1.67 4.59 4.32
C ARG A 195 3.05 4.98 3.80
N PRO A 196 4.10 4.89 4.63
CA PRO A 196 5.42 5.37 4.17
C PRO A 196 5.99 4.58 3.01
N CYS A 197 5.60 3.32 2.84
CA CYS A 197 6.14 2.55 1.72
C CYS A 197 5.71 3.10 0.37
N TYR A 198 4.68 3.96 0.33
CA TYR A 198 4.34 4.62 -0.91
C TYR A 198 5.38 5.65 -1.29
N LEU A 199 6.06 6.26 -0.31
CA LEU A 199 7.17 7.14 -0.61
C LEU A 199 8.33 6.36 -1.19
N ARG A 200 8.55 5.14 -0.70
CA ARG A 200 9.58 4.28 -1.26
C ARG A 200 9.23 3.80 -2.66
N VAL A 201 7.94 3.57 -2.93
CA VAL A 201 7.53 3.10 -4.25
C VAL A 201 7.90 4.12 -5.32
N CYS A 202 7.52 5.39 -5.11
CA CYS A 202 7.83 6.42 -6.10
C CYS A 202 9.33 6.61 -6.25
N LYS A 203 10.08 6.47 -5.16
CA LYS A 203 11.54 6.60 -5.24
C LYS A 203 12.14 5.49 -6.08
N VAL A 204 11.72 4.24 -5.85
CA VAL A 204 12.26 3.13 -6.63
C VAL A 204 11.83 3.24 -8.09
N LEU A 205 10.59 3.69 -8.33
CA LEU A 205 10.11 3.78 -9.70
C LEU A 205 10.86 4.84 -10.50
N ARG A 206 11.34 5.90 -9.85
CA ARG A 206 12.13 6.93 -10.51
C ARG A 206 13.59 6.54 -10.66
N GLU A 207 14.20 5.99 -9.60
CA GLU A 207 15.64 5.72 -9.59
C GLU A 207 15.98 4.34 -10.15
N ARG A 208 15.37 3.28 -9.61
CA ARG A 208 15.62 1.95 -10.14
C ARG A 208 15.03 1.79 -11.53
N MET A 209 13.75 2.09 -11.70
CA MET A 209 13.11 2.08 -13.01
C MET A 209 13.36 3.41 -13.70
N GLY A 210 12.74 3.59 -14.86
CA GLY A 210 12.85 4.86 -15.56
C GLY A 210 11.55 5.62 -15.58
N VAL A 211 10.71 5.39 -14.58
CA VAL A 211 9.36 5.93 -14.57
C VAL A 211 9.40 7.37 -14.06
N HIS A 212 9.00 8.31 -14.92
CA HIS A 212 8.82 9.70 -14.53
C HIS A 212 7.46 10.24 -14.95
N CYS A 213 6.56 9.37 -15.42
CA CYS A 213 5.19 9.74 -15.76
C CYS A 213 4.25 8.90 -14.91
N PHE A 214 3.59 9.53 -13.95
CA PHE A 214 2.74 8.84 -12.99
C PHE A 214 1.28 9.23 -13.20
N LEU A 215 0.40 8.25 -13.00
CA LEU A 215 -1.04 8.49 -12.93
C LEU A 215 -1.48 8.19 -11.50
N GLY A 216 -1.84 9.24 -10.76
CA GLY A 216 -2.34 9.05 -9.41
C GLY A 216 -3.84 8.96 -9.34
N LEU A 217 -4.36 7.84 -8.85
CA LEU A 217 -5.80 7.61 -8.74
C LEU A 217 -6.19 7.50 -7.27
N THR A 218 -7.11 8.34 -6.83
CA THR A 218 -7.65 8.24 -5.48
C THR A 218 -9.13 8.59 -5.52
N ALA A 219 -9.88 7.97 -4.61
CA ALA A 219 -11.32 8.21 -4.51
C ALA A 219 -11.70 9.06 -3.30
N THR A 220 -10.79 9.25 -2.35
CA THR A 220 -11.08 9.98 -1.13
C THR A 220 -9.89 10.86 -0.80
N ALA A 221 -10.08 12.18 -0.83
CA ALA A 221 -9.02 13.11 -0.49
C ALA A 221 -9.62 14.49 -0.31
N THR A 222 -9.13 15.21 0.70
CA THR A 222 -9.47 16.61 0.86
C THR A 222 -8.68 17.44 -0.15
N ARG A 223 -8.97 18.74 -0.19
CA ARG A 223 -8.15 19.63 -1.02
C ARG A 223 -6.74 19.76 -0.45
N ARG A 224 -6.59 19.57 0.85
CA ARG A 224 -5.26 19.61 1.46
C ARG A 224 -4.46 18.36 1.13
N THR A 225 -5.13 17.20 1.09
CA THR A 225 -4.44 15.95 0.77
C THR A 225 -4.15 15.85 -0.73
N ALA A 226 -5.14 16.17 -1.57
CA ALA A 226 -4.96 16.05 -3.01
C ALA A 226 -3.86 16.98 -3.51
N SER A 227 -3.76 18.18 -2.94
CA SER A 227 -2.71 19.10 -3.33
C SER A 227 -1.35 18.59 -2.89
N ASP A 228 -1.28 17.86 -1.78
CA ASP A 228 0.00 17.33 -1.33
C ASP A 228 0.45 16.15 -2.20
N VAL A 229 -0.50 15.32 -2.65
CA VAL A 229 -0.17 14.23 -3.56
C VAL A 229 0.38 14.79 -4.87
N ALA A 230 -0.23 15.85 -5.38
CA ALA A 230 0.25 16.47 -6.62
C ALA A 230 1.69 16.96 -6.49
N GLN A 231 2.10 17.37 -5.29
CA GLN A 231 3.49 17.76 -5.08
C GLN A 231 4.42 16.56 -5.24
N HIS A 232 4.03 15.40 -4.73
CA HIS A 232 4.90 14.23 -4.80
C HIS A 232 4.99 13.66 -6.21
N LEU A 233 3.93 13.78 -6.99
CA LEU A 233 3.90 13.26 -8.35
C LEU A 233 4.28 14.31 -9.39
N ALA A 234 4.74 15.49 -8.96
CA ALA A 234 5.16 16.57 -9.86
C ALA A 234 4.06 16.95 -10.85
N VAL A 235 2.83 17.02 -10.35
CA VAL A 235 1.65 17.35 -11.14
C VAL A 235 1.27 18.80 -10.90
N ALA A 236 0.90 19.50 -11.97
CA ALA A 236 0.37 20.85 -11.84
C ALA A 236 -0.95 20.82 -11.08
N GLU A 237 -1.12 21.78 -10.16
CA GLU A 237 -2.35 21.84 -9.36
C GLU A 237 -3.53 22.26 -10.23
N GLU A 238 -4.67 21.62 -10.00
CA GLU A 238 -5.88 21.88 -10.77
C GLU A 238 -7.09 21.41 -9.96
N PRO A 239 -8.22 22.09 -10.08
CA PRO A 239 -9.41 21.67 -9.32
C PRO A 239 -10.01 20.38 -9.87
N ASP A 240 -10.27 19.43 -8.98
CA ASP A 240 -10.87 18.15 -9.35
C ASP A 240 -11.53 17.49 -8.15
N ALA A 245 -15.74 16.21 -4.26
CA ALA A 245 -16.61 15.04 -4.29
C ALA A 245 -17.84 15.23 -3.39
N PRO A 246 -18.79 16.04 -3.85
CA PRO A 246 -20.01 16.26 -3.04
C PRO A 246 -20.87 14.99 -2.98
N VAL A 247 -21.34 14.68 -1.77
CA VAL A 247 -22.20 13.52 -1.59
C VAL A 247 -23.49 13.72 -2.37
N PRO A 248 -23.95 12.73 -3.14
CA PRO A 248 -25.07 12.97 -4.06
C PRO A 248 -26.37 13.32 -3.33
N THR A 249 -27.25 14.01 -4.07
CA THR A 249 -28.52 14.45 -3.49
C THR A 249 -29.48 13.30 -3.24
N ASN A 250 -29.32 12.17 -3.94
CA ASN A 250 -30.24 11.05 -3.77
C ASN A 250 -29.88 10.14 -2.60
N LEU A 251 -28.77 10.40 -1.92
CA LEU A 251 -28.44 9.67 -0.69
C LEU A 251 -29.09 10.36 0.50
N HIS A 252 -29.77 9.57 1.33
CA HIS A 252 -30.44 10.07 2.53
C HIS A 252 -29.82 9.40 3.74
N LEU A 253 -29.23 10.20 4.62
CA LEU A 253 -28.44 9.71 5.74
C LEU A 253 -29.23 9.84 7.04
N SER A 254 -28.93 8.95 7.99
CA SER A 254 -29.49 9.03 9.33
C SER A 254 -28.51 8.42 10.33
N VAL A 255 -28.65 8.81 11.59
CA VAL A 255 -27.77 8.37 12.67
C VAL A 255 -28.60 8.14 13.92
N SER A 256 -28.30 7.06 14.66
CA SER A 256 -29.00 6.79 15.91
C SER A 256 -28.06 6.11 16.91
N MET A 257 -28.46 6.12 18.18
CA MET A 257 -27.67 5.58 19.29
C MET A 257 -28.46 4.52 20.06
N ASP A 258 -28.88 3.46 19.37
CA ASP A 258 -29.75 2.46 19.98
C ASP A 258 -29.05 1.73 21.13
N ARG A 259 -29.85 1.26 22.07
CA ARG A 259 -29.40 0.51 23.22
C ARG A 259 -28.84 -0.85 22.87
N ASP A 260 -29.49 -1.53 21.94
CA ASP A 260 -29.10 -2.86 21.48
C ASP A 260 -28.97 -2.79 19.96
N THR A 261 -27.73 -2.85 19.46
CA THR A 261 -27.51 -2.64 18.04
C THR A 261 -28.05 -3.81 17.21
N ASP A 262 -27.93 -5.04 17.72
CA ASP A 262 -28.47 -6.19 17.02
C ASP A 262 -29.99 -6.12 16.92
N GLN A 263 -30.66 -5.81 18.04
CA GLN A 263 -32.11 -5.67 18.00
C GLN A 263 -32.52 -4.51 17.11
N ALA A 264 -31.79 -3.40 17.17
CA ALA A 264 -32.15 -2.24 16.35
C ALA A 264 -32.00 -2.51 14.88
N LEU A 265 -30.98 -3.29 14.50
CA LEU A 265 -30.77 -3.61 13.09
C LEU A 265 -31.95 -4.37 12.51
N LEU A 266 -32.47 -5.36 13.25
CA LEU A 266 -33.67 -6.06 12.81
C LEU A 266 -34.87 -5.13 12.74
N THR A 267 -34.99 -4.19 13.69
CA THR A 267 -36.12 -3.28 13.65
C THR A 267 -36.03 -2.33 12.47
N LEU A 268 -34.83 -1.89 12.13
CA LEU A 268 -34.66 -0.96 11.01
C LEU A 268 -34.92 -1.63 9.67
N LEU A 269 -34.38 -2.83 9.47
CA LEU A 269 -34.53 -3.52 8.19
C LEU A 269 -35.98 -3.93 7.93
N GLN A 270 -36.80 -4.02 8.97
CA GLN A 270 -38.20 -4.38 8.78
C GLN A 270 -39.12 -3.18 8.68
N GLY A 271 -38.63 -1.97 8.95
CA GLY A 271 -39.42 -0.78 8.75
C GLY A 271 -39.67 -0.51 7.29
N LYS A 272 -40.63 0.39 7.04
CA LYS A 272 -41.03 0.70 5.67
C LYS A 272 -39.90 1.32 4.86
N ARG A 273 -38.96 2.00 5.51
CA ARG A 273 -37.88 2.65 4.79
C ARG A 273 -36.91 1.64 4.17
N PHE A 274 -36.79 0.45 4.76
CA PHE A 274 -35.78 -0.52 4.35
C PHE A 274 -36.35 -1.86 3.90
N GLN A 275 -37.61 -2.17 4.21
CA GLN A 275 -38.11 -3.53 4.04
C GLN A 275 -38.19 -3.97 2.58
N ASN A 276 -38.16 -3.03 1.62
CA ASN A 276 -38.25 -3.38 0.22
C ASN A 276 -36.97 -3.02 -0.55
N LEU A 277 -35.87 -2.83 0.15
CA LEU A 277 -34.57 -2.62 -0.48
C LEU A 277 -33.85 -3.95 -0.52
N ASP A 278 -33.37 -4.33 -1.71
CA ASP A 278 -32.84 -5.66 -1.95
C ASP A 278 -31.34 -5.68 -2.21
N SER A 279 -30.64 -4.58 -1.97
CA SER A 279 -29.19 -4.54 -2.10
C SER A 279 -28.65 -3.69 -0.95
N ILE A 280 -28.17 -4.35 0.10
CA ILE A 280 -27.72 -3.69 1.32
C ILE A 280 -26.30 -4.17 1.63
N ILE A 281 -25.45 -3.24 2.04
CA ILE A 281 -24.13 -3.56 2.58
C ILE A 281 -24.07 -3.08 4.02
N ILE A 282 -23.60 -3.95 4.92
CA ILE A 282 -23.45 -3.62 6.34
C ILE A 282 -21.98 -3.74 6.71
N TYR A 283 -21.39 -2.63 7.17
CA TYR A 283 -19.98 -2.58 7.56
C TYR A 283 -19.83 -2.78 9.07
N CYS A 284 -18.95 -3.70 9.45
CA CYS A 284 -18.67 -4.02 10.85
C CYS A 284 -17.20 -3.76 11.17
N ASN A 285 -16.90 -3.64 12.46
CA ASN A 285 -15.52 -3.42 12.89
C ASN A 285 -14.70 -4.70 12.78
N ARG A 286 -15.08 -5.75 13.51
CA ARG A 286 -14.37 -7.01 13.52
C ARG A 286 -15.04 -8.00 12.57
N ARG A 287 -14.23 -8.90 12.00
CA ARG A 287 -14.79 -9.86 11.06
C ARG A 287 -15.52 -11.00 11.76
N GLU A 288 -15.21 -11.26 13.02
CA GLU A 288 -16.03 -12.17 13.81
C GLU A 288 -17.47 -11.68 13.88
N ASP A 289 -17.66 -10.36 13.79
CA ASP A 289 -19.01 -9.77 13.85
C ASP A 289 -19.76 -9.95 12.54
N THR A 290 -19.07 -9.93 11.39
CA THR A 290 -19.76 -10.13 10.11
C THR A 290 -20.42 -11.50 10.05
N GLU A 291 -19.72 -12.53 10.49
CA GLU A 291 -20.31 -13.86 10.46
C GLU A 291 -21.48 -13.97 11.43
N ARG A 292 -21.43 -13.24 12.54
CA ARG A 292 -22.53 -13.26 13.51
C ARG A 292 -23.74 -12.50 13.00
N ILE A 293 -23.52 -11.33 12.38
CA ILE A 293 -24.65 -10.55 11.86
C ILE A 293 -25.27 -11.25 10.67
N ALA A 294 -24.45 -11.81 9.79
CA ALA A 294 -24.98 -12.53 8.64
C ALA A 294 -25.82 -13.72 9.08
N ALA A 295 -25.30 -14.52 10.00
CA ALA A 295 -26.06 -15.66 10.50
C ALA A 295 -27.34 -15.21 11.21
N LEU A 296 -27.32 -14.02 11.84
CA LEU A 296 -28.50 -13.53 12.53
C LEU A 296 -29.59 -13.14 11.53
N LEU A 297 -29.23 -12.34 10.53
CA LEU A 297 -30.20 -11.93 9.51
C LEU A 297 -30.78 -13.13 8.76
N ARG A 298 -29.97 -14.16 8.51
CA ARG A 298 -30.49 -15.32 7.79
C ARG A 298 -31.54 -16.06 8.61
N THR A 299 -31.37 -16.09 9.94
CA THR A 299 -32.28 -16.84 10.79
C THR A 299 -33.53 -16.05 11.13
N CYS A 300 -33.40 -14.72 11.28
CA CYS A 300 -34.54 -13.90 11.68
C CYS A 300 -35.34 -13.35 10.50
N LEU A 301 -34.88 -13.57 9.27
CA LEU A 301 -35.63 -13.18 8.08
C LEU A 301 -35.89 -14.39 7.18
N HIS A 302 -35.98 -15.57 7.79
CA HIS A 302 -36.19 -16.82 7.05
C HIS A 302 -37.60 -16.85 6.48
N ALA A 303 -37.71 -17.08 5.18
CA ALA A 303 -39.01 -17.12 4.51
C ALA A 303 -38.99 -18.04 3.29
N ARG A 312 -39.34 -11.99 -6.18
CA ARG A 312 -40.29 -13.03 -5.79
C ARG A 312 -39.90 -13.70 -4.48
N ALA A 313 -39.85 -15.03 -4.49
CA ALA A 313 -39.56 -15.82 -3.29
C ALA A 313 -38.09 -16.21 -3.15
N PRO A 314 -37.40 -16.70 -4.22
CA PRO A 314 -36.05 -17.24 -4.01
C PRO A 314 -34.91 -16.25 -4.14
N LYS A 315 -34.05 -16.19 -3.11
CA LYS A 315 -32.78 -15.47 -3.07
C LYS A 315 -32.23 -15.57 -1.65
N THR A 316 -30.93 -15.34 -1.50
CA THR A 316 -30.23 -15.52 -0.23
C THR A 316 -30.23 -14.21 0.57
N THR A 317 -30.46 -14.33 1.88
CA THR A 317 -30.67 -13.14 2.70
C THR A 317 -29.37 -12.39 2.98
N ALA A 318 -28.38 -13.07 3.56
CA ALA A 318 -27.15 -12.37 3.97
C ALA A 318 -25.98 -13.33 3.98
N GLU A 319 -24.80 -12.79 3.66
CA GLU A 319 -23.55 -13.54 3.67
C GLU A 319 -22.43 -12.65 4.20
N ALA A 320 -21.55 -13.23 5.02
CA ALA A 320 -20.37 -12.50 5.49
C ALA A 320 -19.32 -12.44 4.39
N TYR A 321 -18.48 -11.40 4.45
CA TYR A 321 -17.44 -11.17 3.44
C TYR A 321 -16.27 -10.49 4.13
N HIS A 322 -15.25 -11.26 4.51
CA HIS A 322 -14.09 -10.71 5.20
C HIS A 322 -12.82 -11.42 4.71
N ALA A 323 -11.67 -10.87 5.11
CA ALA A 323 -10.38 -11.33 4.58
C ALA A 323 -9.98 -12.71 5.09
N GLY A 324 -10.58 -13.19 6.17
CA GLY A 324 -10.27 -14.53 6.66
C GLY A 324 -10.77 -15.63 5.75
N MET A 325 -11.79 -15.35 4.96
CA MET A 325 -12.34 -16.34 4.04
C MET A 325 -11.36 -16.61 2.90
N CYS A 326 -11.47 -17.80 2.33
CA CYS A 326 -10.59 -18.15 1.23
C CYS A 326 -10.99 -17.36 -0.02
N SER A 327 -10.14 -17.46 -1.05
CA SER A 327 -10.37 -16.66 -2.25
C SER A 327 -11.61 -17.11 -3.01
N ARG A 328 -11.97 -18.40 -2.91
CA ARG A 328 -13.12 -18.92 -3.65
C ARG A 328 -14.42 -18.38 -3.07
N GLU A 329 -14.58 -18.42 -1.75
CA GLU A 329 -15.83 -18.01 -1.14
C GLU A 329 -16.08 -16.51 -1.30
N ARG A 330 -15.02 -15.71 -1.35
CA ARG A 330 -15.23 -14.27 -1.53
C ARG A 330 -15.67 -13.96 -2.95
N ARG A 331 -15.11 -14.67 -3.93
CA ARG A 331 -15.54 -14.49 -5.31
C ARG A 331 -17.03 -14.84 -5.46
N ARG A 332 -17.45 -15.97 -4.90
CA ARG A 332 -18.84 -16.39 -5.01
C ARG A 332 -19.78 -15.40 -4.32
N VAL A 333 -19.40 -14.90 -3.14
CA VAL A 333 -20.26 -13.96 -2.42
C VAL A 333 -20.43 -12.68 -3.22
N GLN A 334 -19.32 -12.15 -3.74
CA GLN A 334 -19.39 -10.92 -4.51
C GLN A 334 -20.13 -11.14 -5.83
N ARG A 335 -19.93 -12.30 -6.46
CA ARG A 335 -20.67 -12.62 -7.68
C ARG A 335 -22.16 -12.68 -7.42
N ALA A 336 -22.57 -13.29 -6.30
CA ALA A 336 -23.99 -13.39 -5.98
C ALA A 336 -24.60 -12.01 -5.74
N PHE A 337 -23.83 -11.12 -5.12
CA PHE A 337 -24.32 -9.76 -4.87
C PHE A 337 -24.43 -8.97 -6.16
N MET A 338 -23.49 -9.18 -7.10
CA MET A 338 -23.53 -8.50 -8.38
C MET A 338 -24.72 -8.94 -9.23
N GLN A 339 -25.16 -10.18 -9.08
CA GLN A 339 -26.26 -10.73 -9.86
C GLN A 339 -27.60 -10.66 -9.15
N GLY A 340 -27.71 -9.85 -8.09
CA GLY A 340 -28.97 -9.74 -7.40
C GLY A 340 -29.46 -11.01 -6.75
N GLN A 341 -28.59 -12.00 -6.55
CA GLN A 341 -28.99 -13.24 -5.89
C GLN A 341 -28.73 -13.23 -4.40
N LEU A 342 -28.04 -12.21 -3.89
CA LEU A 342 -27.77 -12.05 -2.47
C LEU A 342 -28.22 -10.66 -2.06
N ARG A 343 -29.06 -10.58 -1.03
CA ARG A 343 -29.65 -9.30 -0.66
C ARG A 343 -28.68 -8.46 0.17
N VAL A 344 -28.08 -9.05 1.19
CA VAL A 344 -27.23 -8.33 2.15
C VAL A 344 -25.84 -8.93 2.13
N VAL A 345 -24.83 -8.07 2.06
CA VAL A 345 -23.43 -8.45 2.26
C VAL A 345 -22.95 -7.79 3.55
N VAL A 346 -22.50 -8.60 4.50
CA VAL A 346 -21.98 -8.11 5.77
C VAL A 346 -20.46 -8.22 5.71
N ALA A 347 -19.78 -7.09 5.59
CA ALA A 347 -18.36 -7.04 5.34
C ALA A 347 -17.66 -6.13 6.33
N THR A 348 -16.35 -6.31 6.45
CA THR A 348 -15.52 -5.42 7.24
C THR A 348 -15.17 -4.16 6.45
N VAL A 349 -14.85 -3.09 7.18
CA VAL A 349 -14.48 -1.83 6.53
C VAL A 349 -13.18 -2.01 5.74
N ALA A 350 -12.22 -2.74 6.32
CA ALA A 350 -10.95 -2.96 5.64
C ALA A 350 -11.15 -3.68 4.31
N PHE A 351 -11.72 -4.88 4.31
CA PHE A 351 -11.93 -5.48 3.01
C PHE A 351 -12.92 -4.67 2.22
N GLY A 352 -14.01 -4.26 2.85
CA GLY A 352 -14.91 -3.37 2.15
C GLY A 352 -15.52 -4.03 0.94
N MET A 353 -15.63 -3.28 -0.14
CA MET A 353 -16.14 -3.81 -1.40
C MET A 353 -15.26 -3.25 -2.52
N GLY A 354 -14.31 -4.06 -2.98
CA GLY A 354 -13.59 -3.71 -4.19
C GLY A 354 -14.51 -3.71 -5.40
N LEU A 355 -15.62 -4.44 -5.33
CA LEU A 355 -16.57 -4.50 -6.42
C LEU A 355 -17.40 -3.24 -6.49
N ASP A 356 -17.69 -2.80 -7.70
CA ASP A 356 -18.60 -1.69 -7.98
C ASP A 356 -19.88 -2.24 -8.59
N ARG A 357 -21.01 -1.94 -7.97
CA ARG A 357 -22.30 -2.38 -8.48
C ARG A 357 -23.24 -1.18 -8.51
N PRO A 358 -23.93 -0.94 -9.61
CA PRO A 358 -24.97 0.08 -9.63
C PRO A 358 -26.17 -0.35 -8.79
N ASP A 359 -27.10 0.59 -8.63
CA ASP A 359 -28.37 0.38 -7.91
C ASP A 359 -28.17 -0.39 -6.59
N VAL A 360 -27.16 0.02 -5.84
CA VAL A 360 -27.04 -0.39 -4.44
C VAL A 360 -27.92 0.53 -3.60
N ARG A 361 -28.82 -0.06 -2.80
CA ARG A 361 -29.89 0.69 -2.17
C ARG A 361 -29.55 1.20 -0.77
N ALA A 362 -28.73 0.49 0.01
CA ALA A 362 -28.50 0.90 1.39
C ALA A 362 -27.09 0.52 1.85
N VAL A 363 -26.53 1.38 2.69
CA VAL A 363 -25.26 1.13 3.36
C VAL A 363 -25.43 1.46 4.84
N LEU A 364 -25.16 0.48 5.70
CA LEU A 364 -25.28 0.64 7.15
C LEU A 364 -23.92 0.49 7.81
N HIS A 365 -23.71 1.25 8.88
CA HIS A 365 -22.46 1.25 9.64
C HIS A 365 -22.75 0.85 11.08
N LEU A 366 -22.27 -0.32 11.49
CA LEU A 366 -22.33 -0.73 12.88
C LEU A 366 -21.07 -0.23 13.57
N GLY A 367 -21.14 0.98 14.11
CA GLY A 367 -20.00 1.57 14.78
C GLY A 367 -19.47 2.82 14.12
N LEU A 368 -18.92 3.73 14.92
CA LEU A 368 -18.41 5.00 14.41
C LEU A 368 -17.35 4.75 13.35
N PRO A 369 -17.46 5.36 12.17
CA PRO A 369 -16.40 5.24 11.18
C PRO A 369 -15.16 5.98 11.65
N PRO A 370 -13.97 5.51 11.28
CA PRO A 370 -12.73 6.14 11.78
C PRO A 370 -12.40 7.45 11.10
N SER A 371 -13.07 7.82 10.00
CA SER A 371 -12.78 9.07 9.31
C SER A 371 -13.91 9.39 8.34
N PHE A 372 -13.98 10.67 7.95
CA PHE A 372 -14.91 11.07 6.91
C PHE A 372 -14.59 10.38 5.58
N GLU A 373 -13.30 10.26 5.24
CA GLU A 373 -12.93 9.62 3.98
C GLU A 373 -13.45 8.18 3.93
N SER A 374 -13.27 7.43 5.01
CA SER A 374 -13.73 6.04 5.04
C SER A 374 -15.26 5.96 4.93
N TYR A 375 -15.98 6.92 5.51
CA TYR A 375 -17.43 6.90 5.45
C TYR A 375 -17.93 7.21 4.05
N VAL A 376 -17.44 8.31 3.45
CA VAL A 376 -17.94 8.74 2.14
C VAL A 376 -17.62 7.70 1.07
N GLN A 377 -16.47 7.04 1.18
CA GLN A 377 -16.17 5.96 0.25
C GLN A 377 -17.19 4.84 0.36
N ALA A 378 -17.49 4.41 1.58
CA ALA A 378 -18.44 3.31 1.76
C ALA A 378 -19.84 3.71 1.34
N VAL A 379 -20.25 4.93 1.66
CA VAL A 379 -21.58 5.41 1.33
C VAL A 379 -21.69 5.71 -0.16
N GLY A 380 -20.59 6.13 -0.79
CA GLY A 380 -20.58 6.44 -2.23
C GLY A 380 -20.87 5.25 -3.12
N ARG A 381 -20.92 4.04 -2.57
CA ARG A 381 -21.24 2.86 -3.36
C ARG A 381 -22.74 2.70 -3.58
N ALA A 382 -23.57 3.35 -2.78
CA ALA A 382 -25.01 3.25 -2.93
C ALA A 382 -25.54 4.38 -3.80
N GLY A 383 -26.63 4.11 -4.51
CA GLY A 383 -27.23 5.10 -5.38
C GLY A 383 -26.37 5.50 -6.55
N ARG A 384 -25.70 4.54 -7.20
CA ARG A 384 -24.99 4.85 -8.44
C ARG A 384 -25.96 5.32 -9.51
N ASP A 385 -27.09 4.64 -9.65
CA ASP A 385 -28.23 5.21 -10.36
C ASP A 385 -28.84 6.32 -9.52
N GLY A 386 -29.48 7.26 -10.20
CA GLY A 386 -30.03 8.41 -9.50
C GLY A 386 -31.10 8.07 -8.48
N GLN A 387 -31.50 6.81 -8.39
CA GLN A 387 -32.60 6.42 -7.53
C GLN A 387 -32.21 6.58 -6.06
N PRO A 388 -33.20 6.85 -5.19
CA PRO A 388 -32.86 7.16 -3.80
C PRO A 388 -32.21 5.98 -3.09
N ALA A 389 -31.26 6.30 -2.20
CA ALA A 389 -30.56 5.32 -1.40
C ALA A 389 -30.52 5.81 0.05
N HIS A 390 -30.59 4.86 0.98
CA HIS A 390 -30.69 5.17 2.40
C HIS A 390 -29.49 4.60 3.15
N CYS A 391 -28.89 5.43 4.00
CA CYS A 391 -27.74 5.03 4.79
C CYS A 391 -27.98 5.38 6.26
N HIS A 392 -27.67 4.45 7.13
CA HIS A 392 -27.87 4.65 8.57
C HIS A 392 -26.65 4.18 9.33
N LEU A 393 -26.16 5.02 10.25
CA LEU A 393 -25.05 4.69 11.13
C LEU A 393 -25.56 4.47 12.55
N PHE A 394 -25.19 3.32 13.12
CA PHE A 394 -25.50 2.98 14.52
C PHE A 394 -24.29 3.31 15.39
N LEU A 395 -24.38 4.41 16.13
CA LEU A 395 -23.37 4.74 17.14
C LEU A 395 -23.54 3.87 18.37
N GLN A 396 -22.41 3.44 18.94
CA GLN A 396 -22.44 2.68 20.20
C GLN A 396 -22.94 3.58 21.32
N PRO A 397 -23.97 3.14 22.07
CA PRO A 397 -24.64 4.07 23.00
C PRO A 397 -23.76 4.62 24.10
N GLN A 398 -22.89 3.80 24.69
CA GLN A 398 -22.02 4.24 25.76
C GLN A 398 -20.70 4.83 25.27
N GLY A 399 -20.59 5.11 23.97
CA GLY A 399 -19.37 5.72 23.46
C GLY A 399 -18.18 4.81 23.39
N GLU A 400 -18.40 3.49 23.43
CA GLU A 400 -17.31 2.53 23.45
C GLU A 400 -16.61 2.39 22.10
N ASP A 401 -17.27 2.77 21.00
CA ASP A 401 -16.63 2.67 19.70
C ASP A 401 -15.56 3.76 19.53
N LEU A 402 -15.84 4.97 19.99
CA LEU A 402 -14.83 6.03 19.94
C LEU A 402 -13.67 5.74 20.88
N ARG A 403 -13.96 5.11 22.03
CA ARG A 403 -12.91 4.79 22.99
C ARG A 403 -11.97 3.73 22.44
N GLU A 404 -12.48 2.80 21.64
CA GLU A 404 -11.62 1.77 21.05
C GLU A 404 -10.73 2.37 19.96
N LEU A 405 -11.30 3.23 19.11
CA LEU A 405 -10.49 3.90 18.11
C LEU A 405 -9.38 4.73 18.75
N ARG A 406 -9.70 5.42 19.85
CA ARG A 406 -8.67 6.21 20.54
C ARG A 406 -7.62 5.31 21.16
N ARG A 407 -8.04 4.17 21.73
CA ARG A 407 -7.08 3.23 22.32
C ARG A 407 -6.10 2.72 21.27
N HIS A 408 -6.58 2.52 20.04
CA HIS A 408 -5.69 2.07 18.96
C HIS A 408 -4.65 3.15 18.63
N VAL A 409 -5.08 4.40 18.51
CA VAL A 409 -4.16 5.48 18.17
C VAL A 409 -3.06 5.62 19.21
N HIS A 410 -3.43 5.58 20.50
CA HIS A 410 -2.43 5.68 21.54
C HIS A 410 -1.49 4.48 21.55
N ALA A 411 -1.95 3.32 21.08
CA ALA A 411 -1.11 2.14 21.06
C ALA A 411 -0.14 2.15 19.88
N ASP A 412 -0.54 2.75 18.76
CA ASP A 412 0.33 2.88 17.59
C ASP A 412 1.42 3.93 17.77
N SER A 413 1.29 4.78 18.77
CA SER A 413 2.33 5.77 19.06
C SER A 413 3.60 5.07 19.51
N THR A 414 4.73 5.58 19.03
CA THR A 414 6.04 5.04 19.38
C THR A 414 6.56 5.78 20.61
N ASP A 415 6.97 5.02 21.63
CA ASP A 415 7.51 5.66 22.82
C ASP A 415 8.81 6.38 22.48
N PHE A 416 9.14 7.38 23.30
CA PHE A 416 10.35 8.15 23.04
C PHE A 416 11.60 7.29 23.23
N LEU A 417 11.58 6.36 24.19
CA LEU A 417 12.72 5.47 24.37
C LEU A 417 12.99 4.66 23.11
N ALA A 418 11.93 4.25 22.41
CA ALA A 418 12.12 3.49 21.17
C ALA A 418 12.79 4.34 20.10
N VAL A 419 12.40 5.62 20.00
CA VAL A 419 13.03 6.52 19.04
C VAL A 419 14.50 6.73 19.40
N LYS A 420 14.80 6.86 20.70
CA LYS A 420 16.17 7.06 21.12
C LYS A 420 17.02 5.81 20.84
N ARG A 421 16.47 4.62 21.13
CA ARG A 421 17.21 3.40 20.88
C ARG A 421 17.41 3.14 19.38
N LEU A 422 16.45 3.58 18.55
CA LEU A 422 16.58 3.36 17.11
C LEU A 422 17.65 4.26 16.51
N VAL A 423 17.71 5.52 16.95
CA VAL A 423 18.73 6.44 16.45
C VAL A 423 20.12 5.94 16.81
N GLN A 424 20.28 5.35 18.00
CA GLN A 424 21.58 4.81 18.39
C GLN A 424 22.01 3.66 17.48
N ARG A 425 21.04 2.86 17.01
CA ARG A 425 21.35 1.75 16.12
C ARG A 425 21.59 2.21 14.69
N VAL A 426 21.01 3.34 14.30
CA VAL A 426 21.13 3.82 12.92
C VAL A 426 22.38 4.65 12.72
N PHE A 427 22.79 5.42 13.73
CA PHE A 427 23.98 6.27 13.65
C PHE A 427 25.04 5.89 14.70
N PRO A 428 25.52 4.65 14.70
CA PRO A 428 26.57 4.28 15.65
C PRO A 428 27.90 4.93 15.27
N ALA A 429 28.75 5.13 16.28
CA ALA A 429 30.02 5.80 16.06
C ALA A 429 30.96 4.94 15.23
N CYS A 430 31.76 5.59 14.39
CA CYS A 430 32.76 4.93 13.56
C CYS A 430 34.17 5.34 14.01
N THR A 431 35.17 4.65 13.46
CA THR A 431 36.56 4.86 13.81
C THR A 431 37.28 5.80 12.83
N CYS A 432 36.53 6.58 12.05
CA CYS A 432 37.17 7.48 11.09
C CYS A 432 37.85 8.66 11.78
N THR A 433 37.31 9.11 12.92
CA THR A 433 37.90 10.21 13.69
C THR A 433 38.07 9.82 15.16
N CYS A 434 38.39 8.55 15.41
CA CYS A 434 38.70 8.04 16.76
C CYS A 434 37.56 8.29 17.75
N GLU A 460 43.32 -3.40 16.67
CA GLU A 460 42.59 -2.33 17.34
C GLU A 460 41.08 -2.53 17.22
N GLN A 461 40.34 -1.42 17.14
CA GLN A 461 38.89 -1.51 17.00
C GLN A 461 38.50 -2.13 15.66
N LEU A 462 39.15 -1.69 14.58
CA LEU A 462 39.00 -2.34 13.29
C LEU A 462 39.80 -3.63 13.26
N SER A 463 39.24 -4.66 12.61
CA SER A 463 39.89 -5.96 12.61
C SER A 463 41.21 -5.92 11.83
N HIS A 464 41.27 -5.18 10.73
CA HIS A 464 42.43 -5.18 9.86
C HIS A 464 43.34 -3.97 10.08
N GLN A 465 43.20 -3.28 11.21
CA GLN A 465 44.12 -2.21 11.60
C GLN A 465 44.86 -2.62 12.86
N ALA A 466 46.19 -2.60 12.81
CA ALA A 466 47.00 -2.83 14.00
C ALA A 466 47.13 -1.60 14.87
N ALA A 467 46.88 -0.42 14.31
CA ALA A 467 46.99 0.86 14.99
C ALA A 467 45.85 1.75 14.50
N PRO A 468 45.52 2.81 15.24
CA PRO A 468 44.39 3.66 14.81
C PRO A 468 44.56 4.25 13.43
N GLY A 469 45.72 4.85 13.14
CA GLY A 469 45.96 5.45 11.85
C GLY A 469 45.44 6.87 11.79
N PRO A 470 45.75 7.57 10.72
CA PRO A 470 45.39 9.00 10.64
C PRO A 470 43.89 9.19 10.53
N ARG A 471 43.42 10.29 11.09
CA ARG A 471 42.00 10.61 11.07
C ARG A 471 41.56 10.98 9.66
N ARG A 472 40.32 10.63 9.33
CA ARG A 472 39.72 10.92 8.04
C ARG A 472 38.36 11.56 8.23
N VAL A 473 37.84 12.12 7.15
CA VAL A 473 36.48 12.64 7.10
C VAL A 473 35.56 11.50 6.71
N CYS A 474 34.56 11.22 7.54
CA CYS A 474 33.71 10.05 7.36
C CYS A 474 32.90 10.18 6.06
N MET A 475 33.04 9.20 5.17
CA MET A 475 32.32 9.15 3.91
C MET A 475 31.08 8.27 3.98
N GLY A 476 30.57 8.00 5.18
CA GLY A 476 29.40 7.19 5.36
C GLY A 476 29.73 5.71 5.48
N HIS A 477 28.81 4.98 6.10
CA HIS A 477 28.92 3.54 6.25
C HIS A 477 27.59 2.89 5.92
N GLU A 478 27.67 1.68 5.36
CA GLU A 478 26.49 0.88 5.07
C GLU A 478 26.25 -0.09 6.21
N ARG A 479 25.02 -0.11 6.71
CA ARG A 479 24.67 -0.93 7.86
C ARG A 479 23.45 -1.78 7.54
N ALA A 480 23.35 -2.92 8.21
CA ALA A 480 22.21 -3.81 8.14
C ALA A 480 21.46 -3.73 9.46
N LEU A 481 20.25 -3.15 9.42
CA LEU A 481 19.36 -3.08 10.57
C LEU A 481 18.42 -4.28 10.51
N PRO A 482 18.63 -5.34 11.29
CA PRO A 482 17.80 -6.54 11.18
C PRO A 482 16.38 -6.26 11.65
N ILE A 483 15.40 -6.56 10.79
CA ILE A 483 14.02 -6.16 11.04
C ILE A 483 13.45 -6.89 12.25
N GLN A 484 13.47 -8.23 12.21
CA GLN A 484 12.86 -9.00 13.28
C GLN A 484 13.58 -8.79 14.61
N LEU A 485 14.91 -8.67 14.58
CA LEU A 485 15.65 -8.47 15.82
C LEU A 485 15.37 -7.10 16.43
N THR A 486 15.28 -6.06 15.58
CA THR A 486 15.02 -4.72 16.11
C THR A 486 13.59 -4.59 16.61
N VAL A 487 12.64 -5.26 15.94
CA VAL A 487 11.24 -5.17 16.35
C VAL A 487 11.04 -5.73 17.75
N GLN A 488 11.66 -6.89 18.03
CA GLN A 488 11.57 -7.49 19.36
C GLN A 488 12.42 -6.76 20.39
N ALA A 489 13.48 -6.08 19.97
CA ALA A 489 14.33 -5.40 20.93
C ALA A 489 13.80 -4.02 21.32
N LEU A 490 13.10 -3.35 20.41
CA LEU A 490 12.62 -2.00 20.65
C LEU A 490 11.13 -1.92 20.93
N ASP A 491 10.40 -3.03 20.80
CA ASP A 491 8.95 -3.07 21.02
C ASP A 491 8.24 -2.05 20.13
N MET A 492 8.51 -2.12 18.82
CA MET A 492 7.79 -1.32 17.84
C MET A 492 7.64 -2.13 16.57
N PRO A 493 6.53 -2.00 15.86
CA PRO A 493 6.31 -2.82 14.66
C PRO A 493 7.22 -2.39 13.52
N GLU A 494 7.23 -3.24 12.48
CA GLU A 494 8.08 -2.98 11.32
C GLU A 494 7.67 -1.71 10.60
N GLU A 495 6.37 -1.43 10.54
CA GLU A 495 5.89 -0.25 9.82
C GLU A 495 6.32 1.04 10.50
N ALA A 496 6.50 1.01 11.81
CA ALA A 496 6.94 2.19 12.53
C ALA A 496 8.42 2.46 12.31
N ILE A 497 9.23 1.40 12.30
CA ILE A 497 10.65 1.55 11.97
C ILE A 497 10.80 2.11 10.56
N GLU A 498 10.09 1.51 9.60
CA GLU A 498 10.13 2.01 8.23
C GLU A 498 9.71 3.47 8.15
N THR A 499 8.71 3.86 8.93
CA THR A 499 8.22 5.23 8.92
C THR A 499 9.29 6.22 9.37
N LEU A 500 9.93 5.94 10.51
CA LEU A 500 10.96 6.84 11.02
C LEU A 500 12.16 6.91 10.10
N LEU A 501 12.50 5.79 9.44
CA LEU A 501 13.58 5.83 8.46
C LEU A 501 13.21 6.70 7.27
N CYS A 502 11.95 6.62 6.81
CA CYS A 502 11.51 7.49 5.72
C CYS A 502 11.48 8.95 6.15
N TYR A 503 11.14 9.22 7.41
CA TYR A 503 11.19 10.60 7.90
C TYR A 503 12.60 11.16 7.79
N LEU A 504 13.61 10.34 8.10
CA LEU A 504 14.99 10.81 8.12
C LEU A 504 15.52 11.05 6.71
N GLU A 505 15.17 10.19 5.75
CA GLU A 505 15.67 10.38 4.39
C GLU A 505 15.12 11.65 3.77
N LEU A 506 13.84 11.94 3.98
CA LEU A 506 13.24 13.13 3.39
C LEU A 506 13.83 14.41 3.96
N HIS A 507 14.26 14.39 5.22
CA HIS A 507 14.80 15.59 5.84
C HIS A 507 16.09 15.99 5.14
N PRO A 508 16.28 17.26 4.83
CA PRO A 508 17.44 17.68 4.04
C PRO A 508 18.75 17.73 4.83
N HIS A 509 18.66 18.17 6.10
CA HIS A 509 19.87 18.31 6.90
C HIS A 509 20.38 16.97 7.39
N HIS A 510 19.48 16.07 7.77
CA HIS A 510 19.86 14.77 8.30
C HIS A 510 20.06 13.78 7.16
N TRP A 511 21.24 13.16 7.14
CA TRP A 511 21.65 12.30 6.04
C TRP A 511 21.35 10.85 6.41
N LEU A 512 20.42 10.25 5.69
CA LEU A 512 20.18 8.83 5.78
C LEU A 512 19.69 8.35 4.43
N GLU A 513 20.14 7.17 4.03
CA GLU A 513 19.73 6.57 2.77
C GLU A 513 19.21 5.17 3.07
N LEU A 514 17.94 4.94 2.78
CA LEU A 514 17.34 3.62 2.85
C LEU A 514 17.59 2.94 1.51
N LEU A 515 18.64 2.13 1.45
CA LEU A 515 19.08 1.59 0.17
C LEU A 515 18.13 0.50 -0.33
N ALA A 516 17.77 -0.43 0.54
CA ALA A 516 16.95 -1.56 0.13
C ALA A 516 16.51 -2.32 1.37
N THR A 517 15.69 -3.35 1.15
CA THR A 517 15.33 -4.35 2.14
C THR A 517 15.74 -5.69 1.57
N THR A 518 16.71 -6.34 2.19
CA THR A 518 17.25 -7.57 1.64
C THR A 518 17.77 -8.45 2.77
N TYR A 519 18.17 -9.66 2.41
CA TYR A 519 18.82 -10.55 3.37
C TYR A 519 20.28 -10.15 3.51
N THR A 520 20.76 -10.04 4.75
CA THR A 520 22.12 -9.58 5.00
C THR A 520 22.98 -10.60 5.74
N HIS A 521 22.39 -11.63 6.35
CA HIS A 521 23.13 -12.67 7.03
C HIS A 521 23.40 -13.83 6.07
N CYS A 522 24.58 -14.42 6.16
CA CYS A 522 24.94 -15.56 5.34
C CYS A 522 25.49 -16.67 6.23
N ARG A 523 25.01 -17.90 6.01
CA ARG A 523 25.55 -19.08 6.68
C ARG A 523 26.08 -20.07 5.65
N LEU A 524 27.19 -20.72 5.99
CA LEU A 524 27.87 -21.67 5.11
C LEU A 524 28.12 -22.96 5.88
N ASN A 525 27.35 -24.00 5.57
CA ASN A 525 27.55 -25.31 6.16
C ASN A 525 28.41 -26.15 5.23
N CYS A 526 29.46 -26.77 5.79
CA CYS A 526 30.40 -27.52 4.98
C CYS A 526 30.34 -29.00 5.32
N PRO A 527 30.29 -29.87 4.31
CA PRO A 527 30.34 -31.31 4.58
C PRO A 527 31.69 -31.74 5.13
N GLY A 528 32.77 -31.24 4.52
CA GLY A 528 34.12 -31.56 4.93
C GLY A 528 34.62 -30.83 6.15
N GLY A 529 33.76 -30.07 6.82
CA GLY A 529 34.14 -29.38 8.04
C GLY A 529 35.00 -28.16 7.78
N PRO A 530 35.97 -27.94 8.65
CA PRO A 530 36.77 -26.70 8.57
C PRO A 530 37.78 -26.70 7.45
N ALA A 531 38.39 -27.87 7.17
CA ALA A 531 39.43 -27.94 6.15
C ALA A 531 38.88 -27.68 4.75
N GLN A 532 37.66 -28.11 4.48
CA GLN A 532 37.08 -27.88 3.16
C GLN A 532 36.74 -26.41 2.96
N LEU A 533 36.31 -25.72 4.01
CA LEU A 533 35.97 -24.30 3.88
C LEU A 533 37.21 -23.45 3.66
N GLN A 534 38.33 -23.81 4.32
CA GLN A 534 39.57 -23.09 4.14
C GLN A 534 40.09 -23.24 2.71
N ALA A 535 39.93 -24.43 2.11
CA ALA A 535 40.40 -24.70 0.76
C ALA A 535 39.75 -23.81 -0.29
N LEU A 536 38.63 -23.15 0.02
CA LEU A 536 37.91 -22.33 -0.96
C LEU A 536 38.24 -20.85 -0.84
N ALA A 537 39.21 -20.48 -0.01
CA ALA A 537 39.52 -19.08 0.21
C ALA A 537 40.13 -18.39 -1.00
N HIS A 538 40.71 -19.16 -1.93
CA HIS A 538 41.26 -18.55 -3.15
C HIS A 538 40.16 -18.14 -4.12
N ARG A 539 38.98 -18.74 -4.01
CA ARG A 539 37.87 -18.42 -4.92
C ARG A 539 37.03 -17.25 -4.43
N CYS A 540 37.08 -16.92 -3.14
CA CYS A 540 36.16 -15.96 -2.56
C CYS A 540 36.92 -15.03 -1.62
N PRO A 541 37.26 -13.82 -2.06
CA PRO A 541 37.94 -12.87 -1.17
C PRO A 541 37.11 -12.54 0.07
N PRO A 542 35.78 -12.41 -0.04
CA PRO A 542 35.01 -12.25 1.21
C PRO A 542 35.19 -13.38 2.21
N LEU A 543 35.25 -14.63 1.74
CA LEU A 543 35.51 -15.73 2.65
C LEU A 543 36.92 -15.64 3.23
N ALA A 544 37.87 -15.09 2.47
CA ALA A 544 39.25 -15.04 2.92
C ALA A 544 39.42 -14.16 4.15
N VAL A 545 38.78 -12.97 4.14
CA VAL A 545 38.92 -12.07 5.28
C VAL A 545 38.16 -12.60 6.51
N CYS A 546 37.10 -13.38 6.30
CA CYS A 546 36.38 -13.94 7.44
C CYS A 546 37.20 -15.00 8.14
N LEU A 547 37.80 -15.92 7.38
CA LEU A 547 38.57 -17.00 7.99
C LEU A 547 39.80 -16.49 8.73
N ALA A 548 40.34 -15.34 8.30
CA ALA A 548 41.45 -14.74 9.05
C ALA A 548 40.99 -14.18 10.38
N GLN A 549 39.76 -13.65 10.43
CA GLN A 549 39.29 -13.01 11.66
C GLN A 549 38.93 -14.03 12.73
N GLN A 550 38.52 -15.22 12.33
CA GLN A 550 38.24 -16.30 13.28
C GLN A 550 39.57 -16.83 13.81
N LEU A 551 39.87 -16.51 15.08
CA LEU A 551 41.16 -16.84 15.68
C LEU A 551 41.44 -18.34 15.68
N SER A 561 30.47 -25.14 10.07
CA SER A 561 29.46 -24.15 9.73
C SER A 561 29.86 -22.76 10.23
N VAL A 562 29.85 -21.78 9.33
CA VAL A 562 30.22 -20.41 9.64
C VAL A 562 29.12 -19.48 9.16
N GLU A 563 28.77 -18.50 9.99
CA GLU A 563 27.82 -17.46 9.63
C GLU A 563 28.40 -16.10 9.99
N PHE A 564 28.00 -15.08 9.24
CA PHE A 564 28.52 -13.73 9.43
C PHE A 564 27.57 -12.72 8.81
N ASP A 565 27.84 -11.45 9.07
CA ASP A 565 27.09 -10.33 8.52
C ASP A 565 27.77 -9.84 7.25
N MET A 566 27.03 -9.85 6.14
CA MET A 566 27.57 -9.49 4.83
C MET A 566 27.72 -7.99 4.64
N VAL A 567 26.97 -7.18 5.38
CA VAL A 567 27.09 -5.73 5.20
C VAL A 567 28.27 -5.20 6.00
N LYS A 568 28.66 -5.89 7.08
CA LYS A 568 29.95 -5.59 7.72
C LYS A 568 31.10 -5.80 6.74
N LEU A 569 31.06 -6.89 5.97
CA LEU A 569 32.10 -7.11 4.96
C LEU A 569 32.08 -6.00 3.91
N VAL A 570 30.89 -5.63 3.46
CA VAL A 570 30.74 -4.56 2.46
C VAL A 570 31.51 -3.32 2.89
N ASP A 571 31.24 -2.84 4.09
CA ASP A 571 31.84 -1.58 4.53
C ASP A 571 33.35 -1.71 4.74
N SER A 572 33.82 -2.85 5.25
CA SER A 572 35.22 -2.94 5.65
C SER A 572 36.15 -3.13 4.45
N MET A 573 35.69 -3.79 3.39
CA MET A 573 36.54 -4.06 2.23
C MET A 573 36.19 -3.22 1.01
N GLY A 574 35.12 -2.42 1.08
CA GLY A 574 34.77 -1.54 -0.02
C GLY A 574 34.02 -2.17 -1.17
N TRP A 575 33.47 -3.37 -0.97
CA TRP A 575 32.73 -4.05 -2.02
C TRP A 575 31.26 -3.65 -2.02
N GLU A 576 30.56 -3.98 -3.11
CA GLU A 576 29.12 -3.81 -3.19
C GLU A 576 28.43 -5.06 -2.65
N LEU A 577 27.24 -4.85 -2.06
CA LEU A 577 26.50 -5.96 -1.47
C LEU A 577 26.24 -7.06 -2.48
N ALA A 578 25.92 -6.71 -3.72
CA ALA A 578 25.70 -7.74 -4.74
C ALA A 578 26.99 -8.49 -5.05
N SER A 579 28.11 -7.77 -5.14
CA SER A 579 29.38 -8.43 -5.42
C SER A 579 29.73 -9.44 -4.33
N VAL A 580 29.50 -9.09 -3.07
CA VAL A 580 29.74 -10.03 -1.98
C VAL A 580 28.78 -11.21 -2.08
N ARG A 581 27.51 -10.95 -2.38
CA ARG A 581 26.54 -12.04 -2.53
C ARG A 581 26.94 -12.99 -3.66
N ARG A 582 27.42 -12.45 -4.78
CA ARG A 582 27.83 -13.30 -5.89
C ARG A 582 29.00 -14.20 -5.50
N ALA A 583 30.05 -13.61 -4.94
CA ALA A 583 31.24 -14.39 -4.59
C ALA A 583 30.95 -15.47 -3.57
N LEU A 584 30.02 -15.22 -2.65
CA LEU A 584 29.70 -16.21 -1.63
C LEU A 584 28.97 -17.41 -2.25
N CYS A 585 27.94 -17.15 -3.06
CA CYS A 585 27.22 -18.27 -3.66
C CYS A 585 28.04 -18.99 -4.72
N GLN A 586 29.15 -18.39 -5.17
CA GLN A 586 30.08 -19.11 -6.05
C GLN A 586 30.82 -20.23 -5.34
N LEU A 587 30.56 -20.46 -4.05
CA LEU A 587 31.26 -21.49 -3.29
C LEU A 587 30.69 -22.88 -3.52
N GLN A 588 29.69 -23.02 -4.38
CA GLN A 588 29.13 -24.31 -4.74
C GLN A 588 29.83 -24.96 -5.92
N TRP A 589 30.81 -24.28 -6.48
CA TRP A 589 31.58 -24.79 -7.60
C TRP A 589 33.06 -24.82 -7.32
N ASP A 590 33.70 -25.88 -7.80
CA ASP A 590 35.12 -26.05 -7.65
C ASP A 590 35.70 -26.47 -8.98
N HIS A 591 36.94 -26.12 -9.23
CA HIS A 591 37.56 -26.50 -10.48
C HIS A 591 38.35 -27.76 -10.27
N GLU A 592 38.13 -28.76 -11.12
CA GLU A 592 38.89 -29.98 -11.02
C GLU A 592 40.31 -29.63 -11.41
N PRO A 593 41.29 -30.20 -10.72
CA PRO A 593 42.67 -29.84 -11.03
C PRO A 593 43.02 -30.21 -12.46
N ARG A 594 42.59 -31.37 -12.95
CA ARG A 594 42.85 -31.69 -14.34
C ARG A 594 41.77 -30.94 -15.09
N THR A 595 42.19 -30.18 -16.09
CA THR A 595 41.32 -29.35 -16.92
C THR A 595 40.51 -28.37 -16.06
N GLY A 596 39.24 -28.22 -16.39
CA GLY A 596 38.36 -27.33 -15.66
C GLY A 596 37.30 -28.23 -15.07
N VAL A 597 36.26 -28.52 -15.85
CA VAL A 597 35.19 -29.40 -15.42
C VAL A 597 34.65 -29.03 -14.05
N ARG A 598 34.13 -27.82 -13.93
CA ARG A 598 33.63 -27.34 -12.65
C ARG A 598 32.60 -28.31 -12.09
N ARG A 599 32.82 -28.66 -10.83
CA ARG A 599 31.99 -29.60 -10.10
C ARG A 599 31.59 -29.02 -8.76
N GLY A 600 30.54 -29.56 -8.18
CA GLY A 600 30.04 -29.03 -6.94
C GLY A 600 30.78 -29.32 -5.67
N THR A 601 31.05 -28.26 -4.92
CA THR A 601 31.72 -28.33 -3.65
C THR A 601 30.88 -29.04 -2.65
N GLY A 602 29.59 -28.78 -2.71
CA GLY A 602 28.65 -29.37 -1.78
C GLY A 602 28.40 -28.51 -0.56
N VAL A 603 29.03 -27.35 -0.49
CA VAL A 603 28.78 -26.46 0.63
C VAL A 603 27.40 -25.85 0.45
N LEU A 604 26.73 -25.54 1.54
CA LEU A 604 25.42 -24.97 1.44
C LEU A 604 25.46 -23.50 1.80
N VAL A 605 24.90 -22.69 0.92
CA VAL A 605 24.88 -21.24 1.09
C VAL A 605 23.43 -20.81 1.28
N GLU A 606 23.13 -20.23 2.43
CA GLU A 606 21.79 -19.76 2.74
C GLU A 606 21.86 -18.34 3.28
N PHE A 607 21.01 -17.46 2.73
CA PHE A 607 20.90 -16.08 3.18
C PHE A 607 19.68 -15.93 4.08
N SER A 608 19.82 -15.12 5.12
CA SER A 608 18.77 -14.98 6.13
C SER A 608 18.85 -13.59 6.75
N GLU A 609 18.04 -13.38 7.80
CA GLU A 609 17.93 -12.13 8.53
C GLU A 609 17.64 -10.95 7.61
N LEU A 610 16.39 -10.85 7.18
CA LEU A 610 15.94 -9.69 6.41
C LEU A 610 16.17 -8.41 7.20
N ALA A 611 16.75 -7.40 6.54
CA ALA A 611 17.19 -6.20 7.22
C ALA A 611 16.98 -4.99 6.34
N PHE A 612 16.97 -3.81 6.97
CA PHE A 612 17.04 -2.55 6.25
C PHE A 612 18.49 -2.25 5.93
N HIS A 613 18.79 -2.03 4.64
CA HIS A 613 20.13 -1.69 4.18
C HIS A 613 20.26 -0.17 4.18
N LEU A 614 20.95 0.38 5.18
CA LEU A 614 21.05 1.82 5.37
C LEU A 614 22.44 2.34 5.03
N ARG A 615 22.52 3.65 4.80
CA ARG A 615 23.80 4.36 4.67
C ARG A 615 23.71 5.64 5.49
N SER A 616 24.49 5.72 6.56
CA SER A 616 24.45 6.84 7.49
C SER A 616 25.86 7.19 7.94
N PRO A 617 26.10 8.46 8.29
CA PRO A 617 27.42 8.82 8.82
C PRO A 617 27.66 8.21 10.18
N GLY A 618 28.94 8.10 10.53
CA GLY A 618 29.32 7.58 11.83
C GLY A 618 29.98 8.60 12.73
N ASP A 619 29.95 9.88 12.36
CA ASP A 619 30.66 10.93 13.09
C ASP A 619 29.72 11.90 13.80
N LEU A 620 28.46 11.52 14.01
CA LEU A 620 27.54 12.42 14.70
C LEU A 620 27.89 12.50 16.18
N THR A 621 27.86 13.71 16.73
CA THR A 621 28.07 13.89 18.15
C THR A 621 26.80 13.50 18.92
N ALA A 622 26.92 13.47 20.25
CA ALA A 622 25.75 13.18 21.06
C ALA A 622 24.70 14.28 20.95
N GLU A 623 25.14 15.53 20.78
CA GLU A 623 24.21 16.64 20.60
C GLU A 623 23.41 16.49 19.32
N GLU A 624 24.04 16.06 18.24
CA GLU A 624 23.34 15.91 16.96
C GLU A 624 22.33 14.77 17.03
N LYS A 625 22.67 13.68 17.72
CA LYS A 625 21.72 12.59 17.87
C LYS A 625 20.49 13.03 18.67
N ASP A 626 20.70 13.87 19.68
CA ASP A 626 19.57 14.38 20.45
C ASP A 626 18.62 15.20 19.56
N GLN A 627 19.18 16.10 18.74
CA GLN A 627 18.35 16.87 17.82
C GLN A 627 17.60 15.95 16.86
N ILE A 628 18.21 14.84 16.45
CA ILE A 628 17.52 13.89 15.58
C ILE A 628 16.34 13.26 16.31
N CYS A 629 16.51 12.94 17.59
CA CYS A 629 15.42 12.35 18.36
C CYS A 629 14.26 13.33 18.51
N ASP A 630 14.55 14.60 18.79
CA ASP A 630 13.48 15.59 18.92
C ASP A 630 12.70 15.74 17.62
N PHE A 631 13.39 15.67 16.49
CA PHE A 631 12.69 15.75 15.22
C PHE A 631 11.74 14.57 15.03
N LEU A 632 12.25 13.34 15.18
CA LEU A 632 11.43 12.16 14.95
C LEU A 632 10.28 12.07 15.94
N TYR A 633 10.53 12.37 17.21
CA TYR A 633 9.44 12.31 18.20
C TYR A 633 8.39 13.38 17.94
N GLY A 634 8.82 14.57 17.51
CA GLY A 634 7.86 15.60 17.14
C GLY A 634 6.95 15.17 15.99
N ARG A 635 7.49 14.40 15.05
CA ARG A 635 6.65 13.87 13.98
C ARG A 635 5.72 12.77 14.46
N VAL A 636 6.14 12.00 15.47
CA VAL A 636 5.27 10.98 16.03
C VAL A 636 4.10 11.63 16.76
N GLN A 637 4.38 12.68 17.54
CA GLN A 637 3.32 13.33 18.30
C GLN A 637 2.37 14.09 17.38
N ALA A 638 2.90 14.74 16.33
CA ALA A 638 2.04 15.48 15.42
C ALA A 638 1.14 14.54 14.63
N ARG A 639 1.66 13.37 14.28
CA ARG A 639 0.83 12.35 13.63
C ARG A 639 -0.25 11.85 14.59
N GLU A 640 0.05 11.77 15.88
CA GLU A 640 -0.93 11.33 16.86
C GLU A 640 -1.99 12.41 17.10
N ARG A 641 -1.56 13.66 17.26
CA ARG A 641 -2.52 14.75 17.43
C ARG A 641 -3.43 14.87 16.22
N GLN A 642 -2.94 14.53 15.03
CA GLN A 642 -3.77 14.60 13.84
C GLN A 642 -4.79 13.47 13.81
N ALA A 643 -4.40 12.28 14.29
CA ALA A 643 -5.33 11.16 14.27
C ALA A 643 -6.39 11.32 15.36
N LEU A 644 -6.02 11.85 16.52
CA LEU A 644 -7.01 12.16 17.54
C LEU A 644 -7.96 13.25 17.07
N ALA A 645 -7.43 14.33 16.49
CA ALA A 645 -8.29 15.42 16.03
C ALA A 645 -9.25 14.94 14.95
N ARG A 646 -8.83 13.98 14.13
CA ARG A 646 -9.72 13.45 13.11
C ARG A 646 -10.85 12.63 13.74
N LEU A 647 -10.55 11.90 14.81
CA LEU A 647 -11.57 11.10 15.49
C LEU A 647 -12.61 11.98 16.19
N ARG A 648 -12.15 13.03 16.86
CA ARG A 648 -13.06 13.95 17.54
C ARG A 648 -13.96 14.66 16.54
N ARG A 649 -13.38 15.21 15.48
CA ARG A 649 -14.18 15.89 14.47
C ARG A 649 -15.16 14.93 13.80
N THR A 650 -14.78 13.66 13.64
CA THR A 650 -15.68 12.71 13.00
C THR A 650 -16.85 12.36 13.91
N PHE A 651 -16.58 12.10 15.19
CA PHE A 651 -17.67 11.81 16.12
C PHE A 651 -18.60 13.00 16.28
N GLN A 652 -18.04 14.20 16.38
CA GLN A 652 -18.87 15.38 16.59
C GLN A 652 -19.89 15.56 15.48
N ALA A 653 -19.52 15.24 14.23
CA ALA A 653 -20.44 15.44 13.12
C ALA A 653 -21.61 14.46 13.20
N PHE A 654 -21.33 13.18 13.34
CA PHE A 654 -22.40 12.19 13.38
C PHE A 654 -23.28 12.36 14.62
N HIS A 655 -22.67 12.71 15.76
CA HIS A 655 -23.47 12.86 16.97
C HIS A 655 -24.42 14.05 16.87
N SER A 656 -23.94 15.17 16.31
CA SER A 656 -24.73 16.38 16.20
C SER A 656 -26.01 16.19 15.41
N VAL A 657 -26.18 15.04 14.76
CA VAL A 657 -27.32 14.77 13.89
C VAL A 657 -28.04 13.50 14.30
N ALA A 658 -27.68 12.92 15.43
CA ALA A 658 -28.12 11.60 15.85
C ALA A 658 -29.40 11.64 16.67
N PHE A 659 -30.21 10.57 16.55
CA PHE A 659 -31.39 10.27 17.34
C PHE A 659 -31.04 9.27 18.43
N PRO A 660 -31.86 9.20 19.50
CA PRO A 660 -31.64 8.17 20.52
C PRO A 660 -31.88 6.76 20.00
N SER A 661 -32.83 6.60 19.08
CA SER A 661 -33.13 5.31 18.48
C SER A 661 -33.41 5.54 17.00
N CYS A 662 -33.46 4.44 16.25
CA CYS A 662 -33.79 4.54 14.84
C CYS A 662 -35.28 4.64 14.58
N GLY A 663 -36.10 4.70 15.64
CA GLY A 663 -37.53 4.82 15.52
C GLY A 663 -38.00 6.00 14.67
N PRO A 664 -37.51 7.20 14.97
CA PRO A 664 -37.93 8.38 14.18
C PRO A 664 -37.63 8.27 12.69
N CYS A 665 -36.64 7.47 12.29
CA CYS A 665 -36.29 7.31 10.87
C CYS A 665 -36.61 5.90 10.37
N LEU A 666 -37.61 5.25 10.94
CA LEU A 666 -38.09 3.97 10.43
C LEU A 666 -38.95 4.15 9.18
N GLU A 667 -39.61 5.29 9.04
CA GLU A 667 -40.49 5.52 7.90
C GLU A 667 -39.78 6.33 6.84
N GLN A 668 -39.47 7.59 7.15
CA GLN A 668 -38.73 8.46 6.26
C GLN A 668 -37.61 9.14 7.03
N GLN A 669 -36.51 9.40 6.33
CA GLN A 669 -35.39 10.12 6.92
C GLN A 669 -35.79 11.57 7.21
N ASP A 670 -35.02 12.20 8.10
CA ASP A 670 -35.19 13.61 8.40
C ASP A 670 -34.40 14.41 7.37
N GLU A 671 -35.09 15.11 6.48
CA GLU A 671 -34.41 15.83 5.42
C GLU A 671 -33.54 16.95 5.97
N GLU A 672 -34.02 17.65 7.00
CA GLU A 672 -33.19 18.67 7.64
C GLU A 672 -31.90 18.06 8.17
N ARG A 673 -32.00 16.91 8.84
CA ARG A 673 -30.82 16.28 9.42
C ARG A 673 -29.92 15.66 8.34
N SER A 674 -30.52 14.99 7.36
CA SER A 674 -29.72 14.39 6.29
C SER A 674 -28.98 15.45 5.49
N THR A 675 -29.66 16.56 5.21
CA THR A 675 -29.01 17.64 4.47
C THR A 675 -27.92 18.30 5.31
N ARG A 676 -28.17 18.46 6.61
CA ARG A 676 -27.17 19.09 7.47
C ARG A 676 -25.89 18.26 7.53
N LEU A 677 -26.02 16.94 7.60
CA LEU A 677 -24.84 16.08 7.60
C LEU A 677 -24.12 16.12 6.27
N LYS A 678 -24.87 16.08 5.16
CA LYS A 678 -24.24 16.11 3.84
C LYS A 678 -23.50 17.42 3.60
N ASP A 679 -24.00 18.52 4.17
CA ASP A 679 -23.30 19.80 4.06
C ASP A 679 -22.02 19.80 4.90
N LEU A 680 -22.04 19.16 6.07
CA LEU A 680 -20.84 19.08 6.90
C LEU A 680 -19.73 18.35 6.16
N LEU A 681 -20.03 17.18 5.59
CA LEU A 681 -19.02 16.44 4.84
C LEU A 681 -18.52 17.24 3.65
N GLY A 682 -19.42 17.94 2.97
CA GLY A 682 -19.01 18.74 1.81
C GLY A 682 -18.01 19.82 2.18
N ARG A 683 -18.26 20.53 3.27
CA ARG A 683 -17.33 21.57 3.69
C ARG A 683 -16.01 21.00 4.19
N TYR A 684 -15.98 19.72 4.57
CA TYR A 684 -14.74 19.12 5.05
C TYR A 684 -13.75 18.91 3.91
N PHE A 685 -14.24 18.44 2.76
CA PHE A 685 -13.37 18.17 1.61
C PHE A 685 -13.07 19.40 0.77
N GLU A 686 -13.96 20.40 0.76
CA GLU A 686 -13.71 21.66 0.08
C GLU A 686 -12.83 22.60 0.89
N GLU A 687 -12.02 22.07 1.81
CA GLU A 687 -11.23 22.87 2.74
C GLU A 687 -9.75 22.65 2.46
N GLU A 688 -8.98 23.74 2.48
CA GLU A 688 -7.54 23.65 2.26
C GLU A 688 -6.75 23.92 3.54
#